data_1JUT
#
_entry.id   1JUT
#
_cell.length_a   125.800
_cell.length_b   125.800
_cell.length_c   67.063
_cell.angle_alpha   90.00
_cell.angle_beta   90.00
_cell.angle_gamma   120.00
#
_symmetry.space_group_name_H-M   'P 63'
#
loop_
_entity.id
_entity.type
_entity.pdbx_description
1 polymer 'THYMIDYLATE SYNTHASE'
2 non-polymer "2'-DEOXYURIDINE 5'-MONOPHOSPHATE"
3 non-polymer '2-{4-[2-(2-AMINO-4-OXO-4,7-DIHYDRO-3H-PYRROLO[2,3-D]PYRIMIDIN-5-YL)-ETHYL]-BENZOYLAMINO}-3-METHYL-BUTYRIC ACID'
4 water water
#
_entity_poly.entity_id   1
_entity_poly.type   'polypeptide(L)'
_entity_poly.pdbx_seq_one_letter_code
;(CXM)KQYLELMQKVLDEGTQKNDRTGTGTLSIFGHQMRFNLQDGFPLVTTKRCHLRSIIHELLWFLQGDTNIAYLHENN
VTIWDEWADENGDLGPVYGKQWRAWPTPDGRHIDQITTVLNQLKNDPDSRRIIVSAWNVGELDKMALAPCHAFFQFYVAD
GKLSCQLYQRSCDVFLGLPFNIASYALLVHMMAQQCDLEVGDFVWTGGDTHLYSNHMDQTHLQLSREPRPLPKLIIKRKP
ESIFDYRFEDFEIEGYDPHPGIKAPVAI
;
_entity_poly.pdbx_strand_id   A,B
#
loop_
_chem_comp.id
_chem_comp.type
_chem_comp.name
_chem_comp.formula
LYD non-polymer '2-{4-[2-(2-AMINO-4-OXO-4,7-DIHYDRO-3H-PYRROLO[2,3-D]PYRIMIDIN-5-YL)-ETHYL]-BENZOYLAMINO}-3-METHYL-BUTYRIC ACID' 'C20 H23 N5 O4'
UMP non-polymer '2'-DEOXYURIDINE 5'-MONOPHOSPHATE' 'C9 H13 N2 O8 P'
#
# COMPACT_ATOMS: atom_id res chain seq x y z
N CXM A 1 -16.21 15.68 -5.82
CA CXM A 1 -17.03 14.69 -5.07
CB CXM A 1 -16.82 13.28 -5.64
CG CXM A 1 -15.37 12.94 -5.99
SD CXM A 1 -15.16 11.54 -7.13
CE CXM A 1 -16.48 10.49 -6.60
C CXM A 1 -16.72 14.73 -3.58
O CXM A 1 -15.59 14.94 -3.17
CN CXM A 1 -16.59 16.11 -7.05
ON1 CXM A 1 -17.47 15.47 -7.70
ON2 CXM A 1 -16.07 17.15 -7.52
N LYS A 2 -17.74 14.47 -2.79
CA LYS A 2 -17.64 14.51 -1.34
C LYS A 2 -16.32 14.02 -0.76
N GLN A 3 -15.93 12.80 -1.08
CA GLN A 3 -14.71 12.24 -0.54
C GLN A 3 -13.50 13.08 -0.93
N TYR A 4 -13.41 13.45 -2.21
CA TYR A 4 -12.30 14.24 -2.71
C TYR A 4 -12.20 15.59 -2.00
N LEU A 5 -13.31 16.31 -1.94
CA LEU A 5 -13.30 17.62 -1.30
C LEU A 5 -12.97 17.51 0.18
N GLU A 6 -13.47 16.48 0.82
CA GLU A 6 -13.17 16.30 2.23
C GLU A 6 -11.69 16.06 2.45
N LEU A 7 -11.04 15.44 1.46
CA LEU A 7 -9.61 15.16 1.55
C LEU A 7 -8.86 16.48 1.42
N MET A 8 -9.29 17.32 0.50
CA MET A 8 -8.65 18.61 0.32
C MET A 8 -8.70 19.40 1.65
N GLN A 9 -9.91 19.60 2.18
CA GLN A 9 -10.04 20.37 3.42
C GLN A 9 -9.24 19.71 4.55
N LYS A 10 -8.96 18.42 4.43
CA LYS A 10 -8.20 17.76 5.48
C LYS A 10 -6.72 18.14 5.41
N VAL A 11 -6.19 18.20 4.19
CA VAL A 11 -4.80 18.56 4.00
C VAL A 11 -4.67 19.99 4.52
N LEU A 12 -5.66 20.81 4.23
CA LEU A 12 -5.64 22.19 4.67
C LEU A 12 -5.77 22.30 6.19
N ASP A 13 -6.58 21.43 6.79
CA ASP A 13 -6.78 21.48 8.24
C ASP A 13 -5.62 20.94 9.05
N GLU A 14 -4.94 19.91 8.56
CA GLU A 14 -3.83 19.37 9.34
C GLU A 14 -2.56 19.07 8.57
N GLY A 15 -2.40 19.71 7.42
CA GLY A 15 -1.19 19.49 6.65
C GLY A 15 -0.03 20.23 7.30
N THR A 16 1.18 19.75 7.04
CA THR A 16 2.38 20.37 7.58
C THR A 16 3.18 20.94 6.41
N GLN A 17 3.62 22.18 6.51
CA GLN A 17 4.42 22.77 5.43
C GLN A 17 5.66 21.93 5.25
N LYS A 18 5.90 21.51 4.03
CA LYS A 18 7.05 20.67 3.75
C LYS A 18 7.77 21.17 2.50
N ASN A 19 9.08 21.03 2.50
CA ASN A 19 9.86 21.42 1.33
C ASN A 19 9.89 20.19 0.45
N ASP A 20 10.02 20.36 -0.86
CA ASP A 20 10.05 19.17 -1.70
C ASP A 20 11.00 19.20 -2.89
N ARG A 21 11.23 18.02 -3.42
CA ARG A 21 12.09 17.75 -4.56
C ARG A 21 12.04 18.83 -5.67
N THR A 22 10.85 19.32 -5.99
CA THR A 22 10.72 20.33 -7.03
C THR A 22 11.02 21.75 -6.54
N GLY A 23 11.20 21.90 -5.24
CA GLY A 23 11.48 23.22 -4.68
C GLY A 23 10.27 24.13 -4.62
N THR A 24 9.08 23.57 -4.84
CA THR A 24 7.83 24.35 -4.82
C THR A 24 7.26 24.50 -3.41
N GLY A 25 7.34 23.43 -2.62
CA GLY A 25 6.82 23.49 -1.27
C GLY A 25 5.41 22.94 -1.26
N THR A 26 5.07 22.15 -0.25
CA THR A 26 3.75 21.55 -0.16
C THR A 26 3.13 21.67 1.24
N LEU A 27 1.84 21.38 1.29
CA LEU A 27 1.12 21.32 2.54
C LEU A 27 0.87 19.81 2.48
N SER A 28 1.39 19.08 3.45
CA SER A 28 1.30 17.62 3.41
C SER A 28 0.82 16.84 4.63
N ILE A 29 0.02 15.80 4.38
CA ILE A 29 -0.44 14.91 5.44
C ILE A 29 0.08 13.54 5.02
N PHE A 30 0.20 12.63 5.99
CA PHE A 30 0.69 11.29 5.69
C PHE A 30 -0.31 10.22 6.15
N GLY A 31 -0.75 9.39 5.21
CA GLY A 31 -1.71 8.36 5.55
C GLY A 31 -3.15 8.83 5.45
N HIS A 32 -3.89 8.27 4.49
CA HIS A 32 -5.31 8.57 4.28
C HIS A 32 -5.96 7.42 3.50
N GLN A 33 -7.29 7.31 3.59
CA GLN A 33 -8.02 6.28 2.89
C GLN A 33 -9.46 6.71 2.61
N MET A 34 -9.94 6.45 1.41
CA MET A 34 -11.31 6.77 1.05
C MET A 34 -11.83 5.69 0.13
N ARG A 35 -13.14 5.53 0.10
CA ARG A 35 -13.75 4.50 -0.69
C ARG A 35 -14.74 5.10 -1.66
N PHE A 36 -14.88 4.47 -2.83
CA PHE A 36 -15.83 4.92 -3.82
C PHE A 36 -16.61 3.70 -4.29
N ASN A 37 -17.92 3.67 -4.00
CA ASN A 37 -18.72 2.55 -4.45
C ASN A 37 -19.02 2.83 -5.90
N LEU A 38 -18.32 2.13 -6.79
CA LEU A 38 -18.51 2.36 -8.22
C LEU A 38 -19.95 2.22 -8.72
N GLN A 39 -20.79 1.52 -7.97
CA GLN A 39 -22.17 1.33 -8.39
C GLN A 39 -22.94 2.65 -8.25
N ASP A 40 -22.42 3.56 -7.42
CA ASP A 40 -23.06 4.85 -7.22
C ASP A 40 -22.87 5.70 -8.46
N GLY A 41 -21.81 5.40 -9.21
CA GLY A 41 -21.54 6.17 -10.41
C GLY A 41 -20.04 6.27 -10.62
N PHE A 42 -19.64 6.78 -11.78
CA PHE A 42 -18.22 6.92 -12.09
C PHE A 42 -17.62 8.09 -11.35
N PRO A 43 -16.62 7.83 -10.51
CA PRO A 43 -15.96 8.87 -9.71
C PRO A 43 -15.10 9.90 -10.46
N LEU A 44 -15.71 10.67 -11.37
CA LEU A 44 -14.98 11.69 -12.09
C LEU A 44 -15.35 13.02 -11.44
N VAL A 45 -14.36 13.77 -10.97
CA VAL A 45 -14.57 15.06 -10.32
C VAL A 45 -15.46 16.03 -11.08
N THR A 46 -16.47 16.57 -10.39
CA THR A 46 -17.41 17.51 -10.99
C THR A 46 -17.24 18.97 -10.57
N THR A 47 -16.46 19.20 -9.52
CA THR A 47 -16.26 20.57 -9.05
C THR A 47 -15.30 21.35 -9.93
N LYS A 48 -14.80 20.69 -10.97
CA LYS A 48 -13.94 21.31 -11.97
C LYS A 48 -14.05 20.36 -13.15
N ARG A 49 -13.86 20.84 -14.37
CA ARG A 49 -13.94 20.00 -15.56
C ARG A 49 -12.67 19.19 -15.78
N CYS A 50 -12.81 17.88 -15.96
CA CYS A 50 -11.66 17.02 -16.19
C CYS A 50 -11.65 16.46 -17.61
N HIS A 51 -10.45 16.25 -18.14
CA HIS A 51 -10.23 15.74 -19.49
C HIS A 51 -10.36 14.21 -19.51
N LEU A 52 -11.57 13.69 -19.69
CA LEU A 52 -11.75 12.24 -19.73
C LEU A 52 -10.82 11.66 -20.81
N ARG A 53 -10.82 12.30 -21.98
CA ARG A 53 -10.03 11.87 -23.12
C ARG A 53 -8.57 11.52 -22.77
N SER A 54 -7.93 12.38 -22.00
CA SER A 54 -6.55 12.15 -21.62
C SER A 54 -6.42 10.99 -20.65
N ILE A 55 -7.38 10.88 -19.75
CA ILE A 55 -7.36 9.81 -18.77
C ILE A 55 -7.44 8.46 -19.48
N ILE A 56 -8.43 8.32 -20.35
CA ILE A 56 -8.58 7.06 -21.07
C ILE A 56 -7.33 6.69 -21.86
N HIS A 57 -6.84 7.63 -22.67
CA HIS A 57 -5.66 7.31 -23.47
C HIS A 57 -4.46 6.90 -22.65
N GLU A 58 -4.27 7.53 -21.49
CA GLU A 58 -3.13 7.16 -20.66
C GLU A 58 -3.24 5.70 -20.23
N LEU A 59 -4.43 5.32 -19.79
CA LEU A 59 -4.68 3.96 -19.33
C LEU A 59 -4.50 2.93 -20.43
N LEU A 60 -5.00 3.25 -21.62
CA LEU A 60 -4.86 2.33 -22.73
C LEU A 60 -3.37 2.14 -22.99
N TRP A 61 -2.66 3.25 -22.87
CA TRP A 61 -1.22 3.29 -23.06
C TRP A 61 -0.50 2.36 -22.06
N PHE A 62 -0.89 2.46 -20.79
CA PHE A 62 -0.32 1.61 -19.74
C PHE A 62 -0.54 0.13 -20.10
N LEU A 63 -1.80 -0.23 -20.36
CA LEU A 63 -2.17 -1.60 -20.67
C LEU A 63 -1.46 -2.19 -21.88
N GLN A 64 -0.97 -1.34 -22.76
CA GLN A 64 -0.24 -1.82 -23.92
C GLN A 64 1.21 -2.10 -23.53
N GLY A 65 1.59 -1.65 -22.34
CA GLY A 65 2.95 -1.83 -21.86
C GLY A 65 3.87 -0.78 -22.43
N ASP A 66 3.31 0.32 -22.92
CA ASP A 66 4.10 1.36 -23.54
C ASP A 66 4.70 2.35 -22.54
N THR A 67 5.87 2.89 -22.87
CA THR A 67 6.53 3.84 -21.98
C THR A 67 7.11 5.05 -22.76
N ASN A 68 6.80 5.09 -24.06
CA ASN A 68 7.23 6.20 -24.90
C ASN A 68 5.96 7.00 -25.20
N ILE A 69 6.05 8.31 -25.11
CA ILE A 69 4.91 9.19 -25.31
C ILE A 69 4.38 9.38 -26.74
N ALA A 70 5.04 8.78 -27.73
CA ALA A 70 4.59 8.94 -29.10
C ALA A 70 3.09 8.65 -29.23
N TYR A 71 2.64 7.54 -28.65
CA TYR A 71 1.22 7.16 -28.70
C TYR A 71 0.33 8.26 -28.17
N LEU A 72 0.71 8.82 -27.03
CA LEU A 72 -0.07 9.89 -26.41
C LEU A 72 -0.10 11.10 -27.34
N HIS A 73 1.00 11.34 -28.03
CA HIS A 73 1.05 12.46 -28.96
C HIS A 73 0.14 12.23 -30.15
N GLU A 74 0.16 11.03 -30.71
CA GLU A 74 -0.73 10.72 -31.83
C GLU A 74 -2.14 11.13 -31.44
N ASN A 75 -2.48 10.95 -30.16
CA ASN A 75 -3.81 11.30 -29.67
C ASN A 75 -3.92 12.56 -28.84
N ASN A 76 -3.10 13.54 -29.19
CA ASN A 76 -3.12 14.85 -28.53
C ASN A 76 -3.13 14.89 -27.01
N VAL A 77 -2.38 14.01 -26.36
CA VAL A 77 -2.31 14.01 -24.90
C VAL A 77 -0.87 14.36 -24.58
N THR A 78 -0.72 15.42 -23.80
CA THR A 78 0.61 15.95 -23.48
C THR A 78 0.93 15.92 -22.01
N ILE A 79 0.17 15.18 -21.22
CA ILE A 79 0.39 15.13 -19.78
C ILE A 79 1.71 14.55 -19.30
N TRP A 80 2.48 13.93 -20.19
CA TRP A 80 3.76 13.35 -19.79
C TRP A 80 4.96 13.99 -20.49
N ASP A 81 4.72 15.08 -21.21
CA ASP A 81 5.79 15.75 -21.94
C ASP A 81 6.97 16.20 -21.08
N GLU A 82 6.69 16.81 -19.93
CA GLU A 82 7.73 17.30 -19.03
C GLU A 82 8.81 16.36 -18.56
N TRP A 83 8.50 15.07 -18.50
CA TRP A 83 9.47 14.12 -17.99
C TRP A 83 10.09 13.21 -19.06
N ALA A 84 9.65 13.35 -20.31
CA ALA A 84 10.15 12.53 -21.39
C ALA A 84 11.48 13.02 -21.93
N ASP A 85 12.36 12.09 -22.26
CA ASP A 85 13.65 12.49 -22.78
C ASP A 85 13.54 12.85 -24.25
N GLU A 86 14.66 13.28 -24.82
CA GLU A 86 14.79 13.71 -26.21
C GLU A 86 14.11 12.74 -27.19
N ASN A 87 13.97 11.47 -26.81
CA ASN A 87 13.37 10.46 -27.69
C ASN A 87 11.92 10.14 -27.36
N GLY A 88 11.38 10.77 -26.34
CA GLY A 88 10.00 10.53 -25.95
C GLY A 88 9.88 9.43 -24.90
N ASP A 89 11.00 8.92 -24.42
CA ASP A 89 11.02 7.85 -23.44
C ASP A 89 10.99 8.29 -21.98
N LEU A 90 10.26 7.52 -21.17
CA LEU A 90 10.10 7.78 -19.75
C LEU A 90 10.81 6.70 -18.91
N GLY A 91 11.35 5.70 -19.59
CA GLY A 91 12.01 4.63 -18.85
C GLY A 91 11.03 3.52 -18.55
N PRO A 92 11.45 2.47 -17.83
CA PRO A 92 10.54 1.35 -17.51
C PRO A 92 9.48 1.71 -16.47
N VAL A 93 8.62 2.68 -16.80
CA VAL A 93 7.59 3.09 -15.87
C VAL A 93 6.37 2.18 -15.91
N TYR A 94 5.26 2.63 -15.33
CA TYR A 94 4.01 1.89 -15.24
C TYR A 94 3.73 0.76 -16.22
N GLY A 95 3.62 1.13 -17.49
CA GLY A 95 3.33 0.15 -18.52
C GLY A 95 4.26 -1.03 -18.51
N LYS A 96 5.56 -0.76 -18.59
CA LYS A 96 6.58 -1.82 -18.61
C LYS A 96 6.53 -2.74 -17.40
N GLN A 97 6.24 -2.19 -16.22
CA GLN A 97 6.21 -3.01 -15.02
C GLN A 97 4.94 -3.85 -14.98
N TRP A 98 3.86 -3.29 -15.49
CA TRP A 98 2.58 -3.97 -15.51
C TRP A 98 2.62 -5.18 -16.43
N ARG A 99 3.16 -4.95 -17.63
CA ARG A 99 3.20 -5.99 -18.63
C ARG A 99 4.43 -6.85 -18.71
N ALA A 100 5.56 -6.33 -18.24
CA ALA A 100 6.78 -7.12 -18.32
C ALA A 100 7.80 -6.81 -17.23
N TRP A 101 7.46 -7.19 -16.01
CA TRP A 101 8.34 -7.00 -14.87
C TRP A 101 9.48 -8.00 -15.04
N PRO A 102 10.71 -7.51 -15.16
CA PRO A 102 11.84 -8.43 -15.33
C PRO A 102 12.31 -9.09 -14.01
N THR A 103 12.44 -10.41 -14.08
CA THR A 103 12.88 -11.21 -12.94
C THR A 103 14.39 -11.34 -13.00
N PRO A 104 15.01 -11.75 -11.90
CA PRO A 104 16.46 -11.88 -11.96
C PRO A 104 16.99 -13.09 -12.75
N ASP A 105 16.11 -14.01 -13.16
CA ASP A 105 16.59 -15.15 -13.95
C ASP A 105 16.23 -15.07 -15.44
N GLY A 106 15.99 -13.86 -15.93
CA GLY A 106 15.69 -13.68 -17.34
C GLY A 106 14.27 -13.76 -17.85
N ARG A 107 13.31 -13.93 -16.96
CA ARG A 107 11.93 -13.99 -17.39
C ARG A 107 11.30 -12.62 -17.19
N HIS A 108 10.07 -12.47 -17.68
CA HIS A 108 9.32 -11.24 -17.52
C HIS A 108 7.94 -11.70 -17.11
N ILE A 109 7.33 -10.98 -16.18
CA ILE A 109 5.99 -11.33 -15.70
C ILE A 109 4.93 -10.35 -16.18
N ASP A 110 3.87 -10.85 -16.81
CA ASP A 110 2.80 -10.00 -17.27
C ASP A 110 1.82 -10.00 -16.09
N GLN A 111 1.92 -8.98 -15.25
CA GLN A 111 1.06 -8.90 -14.07
C GLN A 111 -0.40 -8.66 -14.36
N ILE A 112 -0.71 -8.07 -15.50
CA ILE A 112 -2.11 -7.80 -15.82
C ILE A 112 -2.83 -9.10 -16.15
N THR A 113 -2.26 -9.90 -17.03
CA THR A 113 -2.89 -11.16 -17.40
C THR A 113 -2.92 -12.07 -16.17
N THR A 114 -1.87 -11.99 -15.37
CA THR A 114 -1.77 -12.81 -14.17
C THR A 114 -2.96 -12.56 -13.27
N VAL A 115 -3.26 -11.28 -13.09
CA VAL A 115 -4.36 -10.85 -12.28
C VAL A 115 -5.68 -11.32 -12.90
N LEU A 116 -5.82 -11.20 -14.21
CA LEU A 116 -7.02 -11.64 -14.90
C LEU A 116 -7.25 -13.11 -14.62
N ASN A 117 -6.21 -13.91 -14.78
CA ASN A 117 -6.35 -15.34 -14.56
C ASN A 117 -6.67 -15.67 -13.12
N GLN A 118 -6.18 -14.83 -12.20
CA GLN A 118 -6.46 -15.05 -10.79
C GLN A 118 -7.92 -14.74 -10.46
N LEU A 119 -8.47 -13.69 -11.06
CA LEU A 119 -9.85 -13.33 -10.80
C LEU A 119 -10.80 -14.38 -11.38
N LYS A 120 -10.40 -14.99 -12.49
CA LYS A 120 -11.23 -16.00 -13.11
C LYS A 120 -11.11 -17.37 -12.44
N ASN A 121 -9.90 -17.79 -12.12
CA ASN A 121 -9.66 -19.10 -11.53
C ASN A 121 -9.50 -19.21 -10.03
N ASP A 122 -9.27 -18.09 -9.36
CA ASP A 122 -9.04 -18.13 -7.92
C ASP A 122 -9.32 -16.75 -7.30
N PRO A 123 -10.52 -16.19 -7.55
CA PRO A 123 -10.91 -14.88 -7.04
C PRO A 123 -10.75 -14.66 -5.55
N ASP A 124 -10.72 -15.73 -4.75
CA ASP A 124 -10.59 -15.56 -3.31
C ASP A 124 -9.15 -15.49 -2.85
N SER A 125 -8.23 -15.39 -3.78
CA SER A 125 -6.82 -15.29 -3.46
C SER A 125 -6.54 -13.95 -2.80
N ARG A 126 -5.60 -13.93 -1.88
CA ARG A 126 -5.25 -12.69 -1.21
C ARG A 126 -3.98 -12.11 -1.82
N ARG A 127 -3.55 -12.68 -2.95
CA ARG A 127 -2.33 -12.26 -3.65
C ARG A 127 -2.59 -11.66 -5.02
N ILE A 128 -3.80 -11.15 -5.26
CA ILE A 128 -4.12 -10.57 -6.57
C ILE A 128 -3.59 -9.15 -6.54
N ILE A 129 -2.32 -9.03 -6.91
CA ILE A 129 -1.61 -7.76 -6.85
C ILE A 129 -0.77 -7.37 -8.08
N VAL A 130 -0.81 -6.09 -8.42
CA VAL A 130 -0.01 -5.57 -9.52
C VAL A 130 0.92 -4.54 -8.87
N SER A 131 2.23 -4.67 -9.08
CA SER A 131 3.13 -3.68 -8.50
C SER A 131 3.99 -3.01 -9.55
N ALA A 132 4.12 -1.71 -9.40
CA ALA A 132 4.91 -0.90 -10.29
C ALA A 132 6.22 -0.58 -9.60
N TRP A 133 6.24 -0.74 -8.27
CA TRP A 133 7.44 -0.42 -7.49
C TRP A 133 8.54 -1.45 -7.63
N ASN A 134 9.21 -1.42 -8.77
CA ASN A 134 10.32 -2.33 -9.04
C ASN A 134 11.61 -1.64 -8.59
N VAL A 135 11.99 -1.87 -7.34
CA VAL A 135 13.17 -1.21 -6.78
C VAL A 135 14.44 -1.33 -7.61
N GLY A 136 14.53 -2.38 -8.41
CA GLY A 136 15.70 -2.57 -9.22
C GLY A 136 15.74 -1.72 -10.45
N GLU A 137 14.61 -1.16 -10.86
CA GLU A 137 14.59 -0.32 -12.05
C GLU A 137 14.14 1.10 -11.78
N LEU A 138 14.04 1.44 -10.49
CA LEU A 138 13.64 2.77 -10.09
C LEU A 138 14.52 3.85 -10.67
N ASP A 139 15.82 3.60 -10.68
CA ASP A 139 16.73 4.61 -11.17
C ASP A 139 16.79 4.84 -12.67
N LYS A 140 16.09 3.99 -13.42
CA LYS A 140 16.01 4.13 -14.88
C LYS A 140 14.69 4.82 -15.28
N MET A 141 13.86 5.14 -14.29
CA MET A 141 12.58 5.80 -14.55
C MET A 141 12.66 7.31 -14.49
N ALA A 142 11.93 7.96 -15.38
CA ALA A 142 11.89 9.40 -15.45
C ALA A 142 11.37 9.96 -14.13
N LEU A 143 10.33 9.32 -13.61
CA LEU A 143 9.71 9.73 -12.36
C LEU A 143 9.33 8.41 -11.67
N ALA A 144 9.53 8.31 -10.36
CA ALA A 144 9.18 7.09 -9.64
C ALA A 144 7.66 6.94 -9.56
N PRO A 145 7.16 5.70 -9.62
CA PRO A 145 5.72 5.47 -9.57
C PRO A 145 5.04 6.17 -8.41
N CYS A 146 3.96 6.89 -8.72
CA CYS A 146 3.16 7.56 -7.70
C CYS A 146 2.08 6.58 -7.27
N HIS A 147 1.29 6.08 -8.22
CA HIS A 147 0.31 5.05 -7.87
C HIS A 147 1.18 3.82 -8.08
N ALA A 148 1.70 3.33 -6.98
CA ALA A 148 2.66 2.24 -7.00
C ALA A 148 2.25 0.79 -6.78
N PHE A 149 1.09 0.57 -6.19
CA PHE A 149 0.76 -0.79 -5.83
C PHE A 149 -0.75 -0.96 -5.69
N PHE A 150 -1.34 -1.96 -6.33
CA PHE A 150 -2.78 -2.15 -6.16
C PHE A 150 -3.20 -3.61 -6.02
N GLN A 151 -4.28 -3.82 -5.28
CA GLN A 151 -4.80 -5.15 -5.03
C GLN A 151 -6.28 -5.26 -5.40
N PHE A 152 -6.66 -6.43 -5.91
CA PHE A 152 -8.06 -6.68 -6.28
C PHE A 152 -8.69 -7.61 -5.24
N TYR A 153 -10.02 -7.59 -5.16
CA TYR A 153 -10.70 -8.42 -4.18
C TYR A 153 -12.09 -8.69 -4.72
N VAL A 154 -12.57 -9.91 -4.57
CA VAL A 154 -13.89 -10.28 -5.06
C VAL A 154 -14.73 -10.75 -3.90
N ALA A 155 -15.93 -10.21 -3.80
CA ALA A 155 -16.87 -10.60 -2.76
C ALA A 155 -18.25 -10.42 -3.32
N ASP A 156 -19.10 -11.42 -3.09
CA ASP A 156 -20.48 -11.38 -3.57
C ASP A 156 -20.64 -10.92 -5.00
N GLY A 157 -19.84 -11.51 -5.88
CA GLY A 157 -19.90 -11.19 -7.30
C GLY A 157 -19.50 -9.79 -7.74
N LYS A 158 -18.79 -9.08 -6.87
CA LYS A 158 -18.34 -7.71 -7.13
C LYS A 158 -16.83 -7.59 -7.06
N LEU A 159 -16.26 -6.86 -8.02
CA LEU A 159 -14.81 -6.67 -8.07
C LEU A 159 -14.37 -5.36 -7.45
N SER A 160 -13.56 -5.44 -6.41
CA SER A 160 -13.06 -4.23 -5.75
C SER A 160 -11.55 -4.10 -5.96
N CYS A 161 -11.04 -2.91 -5.68
CA CYS A 161 -9.62 -2.68 -5.84
C CYS A 161 -9.14 -1.63 -4.87
N GLN A 162 -7.96 -1.87 -4.32
CA GLN A 162 -7.37 -0.91 -3.42
C GLN A 162 -6.05 -0.50 -4.02
N LEU A 163 -5.81 0.81 -4.03
CA LEU A 163 -4.58 1.36 -4.57
C LEU A 163 -3.77 2.04 -3.48
N TYR A 164 -2.46 1.84 -3.51
CA TYR A 164 -1.64 2.51 -2.54
C TYR A 164 -0.84 3.53 -3.33
N GLN A 165 -1.13 4.81 -3.13
CA GLN A 165 -0.40 5.87 -3.83
C GLN A 165 0.61 6.48 -2.86
N ARG A 166 1.87 6.18 -3.05
CA ARG A 166 2.92 6.68 -2.17
C ARG A 166 3.11 8.21 -2.17
N SER A 167 2.74 8.87 -3.27
CA SER A 167 2.84 10.33 -3.36
C SER A 167 1.64 10.84 -4.14
N CYS A 168 0.96 11.85 -3.61
CA CYS A 168 -0.22 12.38 -4.27
C CYS A 168 -0.37 13.88 -4.35
N ASP A 169 -0.47 14.37 -5.58
CA ASP A 169 -0.69 15.78 -5.87
C ASP A 169 -2.22 15.84 -5.86
N VAL A 170 -2.78 16.28 -4.76
CA VAL A 170 -4.22 16.33 -4.63
C VAL A 170 -4.98 17.14 -5.67
N PHE A 171 -4.45 18.31 -6.05
CA PHE A 171 -5.18 19.09 -7.02
C PHE A 171 -5.10 18.58 -8.45
N LEU A 172 -3.88 18.31 -8.92
CA LEU A 172 -3.66 17.88 -10.30
C LEU A 172 -3.72 16.39 -10.66
N GLY A 173 -2.99 15.56 -9.94
CA GLY A 173 -2.97 14.14 -10.26
C GLY A 173 -4.13 13.29 -9.76
N LEU A 174 -4.51 13.47 -8.50
CA LEU A 174 -5.57 12.68 -7.89
C LEU A 174 -6.85 12.52 -8.69
N PRO A 175 -7.37 13.61 -9.27
CA PRO A 175 -8.59 13.46 -10.04
C PRO A 175 -8.39 12.44 -11.17
N PHE A 176 -7.27 12.57 -11.87
CA PHE A 176 -6.95 11.65 -12.95
C PHE A 176 -6.78 10.24 -12.43
N ASN A 177 -5.95 10.09 -11.40
CA ASN A 177 -5.68 8.78 -10.81
C ASN A 177 -6.92 8.03 -10.38
N ILE A 178 -7.87 8.72 -9.75
CA ILE A 178 -9.07 8.04 -9.30
C ILE A 178 -9.86 7.57 -10.51
N ALA A 179 -10.16 8.47 -11.43
CA ALA A 179 -10.90 8.05 -12.60
C ALA A 179 -10.19 6.95 -13.37
N SER A 180 -8.89 7.07 -13.50
CA SER A 180 -8.18 6.07 -14.28
C SER A 180 -8.37 4.66 -13.65
N TYR A 181 -8.21 4.50 -12.33
CA TYR A 181 -8.35 3.15 -11.74
C TYR A 181 -9.81 2.66 -11.73
N ALA A 182 -10.76 3.56 -11.57
CA ALA A 182 -12.15 3.15 -11.58
C ALA A 182 -12.45 2.58 -12.96
N LEU A 183 -11.82 3.15 -13.98
CA LEU A 183 -11.98 2.70 -15.35
C LEU A 183 -11.42 1.28 -15.43
N LEU A 184 -10.21 1.09 -14.90
CA LEU A 184 -9.58 -0.24 -14.95
C LEU A 184 -10.47 -1.26 -14.28
N VAL A 185 -11.09 -0.88 -13.17
CA VAL A 185 -11.94 -1.81 -12.45
C VAL A 185 -13.13 -2.23 -13.30
N HIS A 186 -13.68 -1.30 -14.08
CA HIS A 186 -14.82 -1.61 -14.92
C HIS A 186 -14.41 -2.58 -16.01
N MET A 187 -13.23 -2.36 -16.56
CA MET A 187 -12.76 -3.20 -17.64
C MET A 187 -12.54 -4.63 -17.17
N MET A 188 -11.81 -4.76 -16.07
CA MET A 188 -11.51 -6.06 -15.49
C MET A 188 -12.82 -6.79 -15.22
N ALA A 189 -13.72 -6.10 -14.54
CA ALA A 189 -15.01 -6.66 -14.19
C ALA A 189 -15.78 -7.11 -15.43
N GLN A 190 -15.67 -6.37 -16.53
CA GLN A 190 -16.38 -6.79 -17.73
C GLN A 190 -15.77 -8.07 -18.29
N GLN A 191 -14.45 -8.20 -18.20
CA GLN A 191 -13.72 -9.36 -18.71
C GLN A 191 -13.87 -10.63 -17.85
N CYS A 192 -14.35 -10.44 -16.61
CA CYS A 192 -14.53 -11.56 -15.70
C CYS A 192 -15.98 -11.78 -15.36
N ASP A 193 -16.88 -11.12 -16.08
CA ASP A 193 -18.30 -11.27 -15.81
C ASP A 193 -18.60 -11.05 -14.33
N LEU A 194 -18.00 -10.01 -13.76
CA LEU A 194 -18.23 -9.63 -12.38
C LEU A 194 -18.89 -8.27 -12.36
N GLU A 195 -19.41 -7.86 -11.22
CA GLU A 195 -20.01 -6.55 -11.08
C GLU A 195 -18.95 -5.65 -10.41
N VAL A 196 -19.04 -4.34 -10.58
CA VAL A 196 -18.06 -3.44 -9.96
C VAL A 196 -18.34 -3.26 -8.49
N GLY A 197 -17.30 -3.35 -7.69
CA GLY A 197 -17.46 -3.16 -6.26
C GLY A 197 -16.93 -1.79 -5.85
N ASP A 198 -15.99 -1.77 -4.91
CA ASP A 198 -15.41 -0.51 -4.41
C ASP A 198 -14.01 -0.21 -4.89
N PHE A 199 -13.71 1.08 -5.06
CA PHE A 199 -12.35 1.46 -5.37
C PHE A 199 -11.86 2.13 -4.10
N VAL A 200 -10.86 1.52 -3.47
CA VAL A 200 -10.30 2.07 -2.24
C VAL A 200 -8.99 2.76 -2.49
N TRP A 201 -8.95 4.07 -2.23
CA TRP A 201 -7.73 4.83 -2.43
C TRP A 201 -7.04 5.02 -1.09
N THR A 202 -5.77 4.65 -1.03
CA THR A 202 -4.99 4.84 0.18
C THR A 202 -3.80 5.70 -0.22
N GLY A 203 -3.46 6.68 0.61
CA GLY A 203 -2.32 7.53 0.26
C GLY A 203 -1.22 7.66 1.29
N GLY A 204 0.01 7.82 0.80
CA GLY A 204 1.17 8.02 1.64
C GLY A 204 1.32 9.52 1.84
N ASP A 205 2.25 10.14 1.11
CA ASP A 205 2.47 11.58 1.19
C ASP A 205 1.41 12.24 0.31
N THR A 206 0.34 12.70 0.94
CA THR A 206 -0.78 13.33 0.24
C THR A 206 -0.64 14.82 0.44
N HIS A 207 -0.42 15.55 -0.66
CA HIS A 207 -0.18 16.99 -0.53
C HIS A 207 -0.86 17.93 -1.50
N LEU A 208 -0.79 19.21 -1.14
CA LEU A 208 -1.33 20.30 -1.91
C LEU A 208 -0.10 21.20 -2.14
N TYR A 209 0.20 21.50 -3.39
CA TYR A 209 1.34 22.36 -3.65
C TYR A 209 1.00 23.80 -3.27
N SER A 210 1.99 24.50 -2.72
CA SER A 210 1.79 25.88 -2.26
C SER A 210 1.15 26.78 -3.30
N ASN A 211 1.50 26.57 -4.57
CA ASN A 211 0.95 27.40 -5.65
C ASN A 211 -0.37 26.85 -6.20
N HIS A 212 -1.09 26.08 -5.38
CA HIS A 212 -2.38 25.52 -5.78
C HIS A 212 -3.43 25.95 -4.74
N MET A 213 -2.99 26.69 -3.73
CA MET A 213 -3.90 27.11 -2.67
C MET A 213 -5.15 27.85 -3.14
N ASP A 214 -4.97 28.92 -3.91
CA ASP A 214 -6.13 29.69 -4.40
C ASP A 214 -7.10 28.79 -5.19
N GLN A 215 -6.60 28.15 -6.24
CA GLN A 215 -7.49 27.29 -6.99
C GLN A 215 -8.13 26.22 -6.12
N THR A 216 -7.45 25.81 -5.06
CA THR A 216 -8.01 24.77 -4.18
C THR A 216 -9.23 25.24 -3.43
N HIS A 217 -9.16 26.43 -2.85
CA HIS A 217 -10.29 26.98 -2.12
C HIS A 217 -11.40 27.43 -3.05
N LEU A 218 -11.04 27.78 -4.28
CA LEU A 218 -12.04 28.17 -5.24
C LEU A 218 -12.90 26.95 -5.49
N GLN A 219 -12.25 25.83 -5.75
CA GLN A 219 -12.95 24.58 -5.99
C GLN A 219 -13.75 24.16 -4.76
N LEU A 220 -13.14 24.35 -3.60
CA LEU A 220 -13.76 23.99 -2.34
C LEU A 220 -15.09 24.72 -2.09
N SER A 221 -15.31 25.83 -2.78
CA SER A 221 -16.54 26.59 -2.61
C SER A 221 -17.68 26.14 -3.54
N ARG A 222 -17.46 25.04 -4.26
CA ARG A 222 -18.45 24.56 -5.20
C ARG A 222 -19.18 23.33 -4.68
N GLU A 223 -20.41 23.14 -5.14
CA GLU A 223 -21.22 22.01 -4.73
C GLU A 223 -21.03 20.86 -5.71
N PRO A 224 -20.71 19.66 -5.19
CA PRO A 224 -20.53 18.54 -6.13
C PRO A 224 -21.84 18.30 -6.86
N ARG A 225 -21.73 17.79 -8.06
CA ARG A 225 -22.88 17.51 -8.86
C ARG A 225 -23.12 16.01 -8.87
N PRO A 226 -24.23 15.55 -9.48
CA PRO A 226 -24.44 14.10 -9.46
C PRO A 226 -23.30 13.46 -10.26
N LEU A 227 -22.89 12.28 -9.85
CA LEU A 227 -21.81 11.55 -10.51
C LEU A 227 -22.19 11.06 -11.91
N PRO A 228 -21.26 11.10 -12.86
CA PRO A 228 -21.58 10.64 -14.22
C PRO A 228 -21.70 9.11 -14.27
N LYS A 229 -22.16 8.60 -15.40
CA LYS A 229 -22.31 7.15 -15.58
C LYS A 229 -21.34 6.67 -16.65
N LEU A 230 -20.74 5.50 -16.43
CA LEU A 230 -19.81 4.96 -17.41
C LEU A 230 -20.50 3.86 -18.20
N ILE A 231 -20.46 3.97 -19.53
CA ILE A 231 -21.06 2.97 -20.40
C ILE A 231 -20.03 2.35 -21.32
N ILE A 232 -19.87 1.03 -21.26
CA ILE A 232 -18.94 0.36 -22.15
C ILE A 232 -19.79 -0.28 -23.23
N LYS A 233 -19.54 0.14 -24.47
CA LYS A 233 -20.33 -0.32 -25.62
C LYS A 233 -19.88 -1.61 -26.23
N ARG A 234 -18.83 -2.20 -25.68
CA ARG A 234 -18.33 -3.42 -26.28
C ARG A 234 -17.48 -4.24 -25.33
N LYS A 235 -17.57 -5.56 -25.48
CA LYS A 235 -16.79 -6.47 -24.67
C LYS A 235 -15.73 -7.07 -25.59
N PRO A 236 -14.52 -6.51 -25.58
CA PRO A 236 -13.42 -7.01 -26.43
C PRO A 236 -12.97 -8.40 -25.99
N GLU A 237 -12.32 -9.13 -26.90
CA GLU A 237 -11.87 -10.47 -26.60
C GLU A 237 -10.88 -10.47 -25.43
N SER A 238 -10.11 -9.41 -25.29
CA SER A 238 -9.14 -9.30 -24.20
C SER A 238 -9.11 -7.89 -23.64
N ILE A 239 -8.60 -7.77 -22.43
CA ILE A 239 -8.53 -6.48 -21.78
C ILE A 239 -7.57 -5.55 -22.50
N PHE A 240 -6.72 -6.11 -23.35
CA PHE A 240 -5.76 -5.31 -24.10
C PHE A 240 -6.35 -4.90 -25.44
N ASP A 241 -7.63 -5.18 -25.63
CA ASP A 241 -8.32 -4.88 -26.86
C ASP A 241 -9.26 -3.69 -26.84
N TYR A 242 -9.24 -2.90 -25.77
CA TYR A 242 -10.15 -1.76 -25.72
C TYR A 242 -9.71 -0.58 -26.56
N ARG A 243 -10.67 0.23 -26.99
CA ARG A 243 -10.39 1.40 -27.78
C ARG A 243 -11.07 2.59 -27.15
N PHE A 244 -10.54 3.77 -27.40
CA PHE A 244 -11.14 4.97 -26.87
C PHE A 244 -12.66 4.96 -27.08
N GLU A 245 -13.10 4.73 -28.32
CA GLU A 245 -14.52 4.71 -28.69
C GLU A 245 -15.43 3.74 -27.94
N ASP A 246 -14.87 2.77 -27.25
CA ASP A 246 -15.72 1.82 -26.54
C ASP A 246 -16.33 2.41 -25.26
N PHE A 247 -15.81 3.56 -24.86
CA PHE A 247 -16.26 4.23 -23.62
C PHE A 247 -17.11 5.45 -23.87
N GLU A 248 -18.17 5.58 -23.08
CA GLU A 248 -19.06 6.71 -23.20
C GLU A 248 -19.47 7.11 -21.77
N ILE A 249 -19.18 8.35 -21.41
CA ILE A 249 -19.53 8.90 -20.11
C ILE A 249 -20.83 9.66 -20.29
N GLU A 250 -21.81 9.36 -19.45
CA GLU A 250 -23.10 10.02 -19.56
C GLU A 250 -23.38 10.87 -18.34
N GLY A 251 -24.15 11.94 -18.55
CA GLY A 251 -24.51 12.83 -17.48
C GLY A 251 -23.39 13.56 -16.78
N TYR A 252 -22.35 13.98 -17.51
CA TYR A 252 -21.26 14.69 -16.86
C TYR A 252 -21.43 16.20 -17.00
N ASP A 253 -21.86 16.85 -15.93
CA ASP A 253 -22.10 18.29 -15.91
C ASP A 253 -21.26 18.93 -14.81
N PRO A 254 -19.96 19.14 -15.06
CA PRO A 254 -19.06 19.75 -14.07
C PRO A 254 -19.07 21.27 -13.99
N HIS A 255 -18.34 21.78 -13.01
CA HIS A 255 -18.20 23.20 -12.81
C HIS A 255 -17.08 23.59 -13.74
N PRO A 256 -16.83 24.89 -13.92
CA PRO A 256 -15.76 25.31 -14.83
C PRO A 256 -14.40 24.74 -14.40
N GLY A 257 -13.54 24.43 -15.36
CA GLY A 257 -12.24 23.90 -15.04
C GLY A 257 -11.42 24.96 -14.32
N ILE A 258 -10.29 24.56 -13.76
CA ILE A 258 -9.42 25.47 -13.03
C ILE A 258 -7.97 25.14 -13.37
N LYS A 259 -7.28 26.06 -14.02
CA LYS A 259 -5.90 25.86 -14.42
C LYS A 259 -4.94 25.98 -13.25
N ALA A 260 -3.88 25.17 -13.28
CA ALA A 260 -2.87 25.19 -12.22
C ALA A 260 -1.54 24.64 -12.74
N PRO A 261 -0.42 25.26 -12.35
CA PRO A 261 0.91 24.83 -12.81
C PRO A 261 1.39 23.51 -12.19
N VAL A 262 1.88 22.62 -13.05
CA VAL A 262 2.40 21.32 -12.60
C VAL A 262 3.85 21.47 -12.17
N ALA A 263 4.17 21.03 -10.96
CA ALA A 263 5.54 21.10 -10.48
C ALA A 263 6.34 20.00 -11.17
N ILE A 264 7.44 20.39 -11.82
CA ILE A 264 8.27 19.44 -12.53
C ILE A 264 9.49 19.02 -11.70
N CXM B 1 -6.23 -3.12 22.04
CA CXM B 1 -6.26 -1.64 21.90
CB CXM B 1 -5.12 -1.12 20.97
CG CXM B 1 -3.74 -1.40 21.38
SD CXM B 1 -2.60 -0.62 20.26
CE CXM B 1 -2.52 -1.70 18.98
C CXM B 1 -7.57 -1.21 21.31
O CXM B 1 -8.19 -1.99 20.62
CN CXM B 1 -5.66 -3.89 23.03
ON1 CXM B 1 -6.20 -4.98 23.33
ON2 CXM B 1 -4.56 -3.57 23.52
N LYS B 2 -7.95 0.03 21.55
CA LYS B 2 -9.23 0.52 21.04
C LYS B 2 -9.45 0.19 19.55
N GLN B 3 -8.55 0.63 18.67
CA GLN B 3 -8.71 0.39 17.23
C GLN B 3 -8.61 -1.06 16.82
N TYR B 4 -7.78 -1.82 17.52
CA TYR B 4 -7.64 -3.23 17.20
C TYR B 4 -8.98 -3.93 17.42
N LEU B 5 -9.52 -3.80 18.63
CA LEU B 5 -10.80 -4.43 19.00
C LEU B 5 -11.90 -3.94 18.06
N GLU B 6 -11.77 -2.67 17.70
CA GLU B 6 -12.71 -2.00 16.82
C GLU B 6 -12.77 -2.66 15.44
N LEU B 7 -11.61 -3.04 14.94
CA LEU B 7 -11.50 -3.70 13.65
C LEU B 7 -12.00 -5.13 13.81
N MET B 8 -11.62 -5.73 14.93
CA MET B 8 -12.03 -7.09 15.24
C MET B 8 -13.55 -7.21 15.20
N GLN B 9 -14.24 -6.20 15.72
CA GLN B 9 -15.69 -6.22 15.73
C GLN B 9 -16.22 -5.98 14.33
N LYS B 10 -15.56 -5.08 13.61
CA LYS B 10 -15.98 -4.77 12.27
C LYS B 10 -16.00 -5.99 11.33
N VAL B 11 -14.98 -6.84 11.46
CA VAL B 11 -14.92 -8.03 10.64
C VAL B 11 -16.12 -8.92 10.96
N LEU B 12 -16.45 -9.03 12.25
CA LEU B 12 -17.58 -9.87 12.64
C LEU B 12 -18.90 -9.33 12.10
N ASP B 13 -19.10 -8.03 12.23
CA ASP B 13 -20.34 -7.41 11.77
C ASP B 13 -20.45 -7.29 10.24
N GLU B 14 -19.32 -7.07 9.58
CA GLU B 14 -19.28 -6.89 8.14
C GLU B 14 -18.66 -7.96 7.25
N GLY B 15 -17.76 -8.76 7.79
CA GLY B 15 -17.12 -9.78 6.98
C GLY B 15 -18.03 -10.63 6.11
N THR B 16 -17.49 -11.07 4.99
CA THR B 16 -18.17 -11.94 4.06
C THR B 16 -17.46 -13.29 4.24
N GLN B 17 -18.16 -14.40 4.13
CA GLN B 17 -17.50 -15.68 4.27
C GLN B 17 -16.73 -16.02 3.01
N LYS B 18 -15.49 -16.47 3.18
CA LYS B 18 -14.67 -16.83 2.03
C LYS B 18 -13.94 -18.14 2.24
N ASN B 19 -13.82 -18.92 1.18
CA ASN B 19 -13.08 -20.17 1.24
C ASN B 19 -11.68 -19.65 0.95
N ASP B 20 -10.72 -19.91 1.83
CA ASP B 20 -9.36 -19.45 1.57
C ASP B 20 -8.49 -20.61 1.11
N ARG B 21 -7.25 -20.33 0.75
CA ARG B 21 -6.36 -21.38 0.26
C ARG B 21 -6.20 -22.50 1.28
N THR B 22 -6.29 -22.15 2.56
CA THR B 22 -6.24 -23.16 3.62
C THR B 22 -7.72 -23.48 3.64
N GLY B 23 -8.10 -24.75 3.56
CA GLY B 23 -9.51 -25.05 3.56
C GLY B 23 -10.27 -24.69 4.83
N THR B 24 -9.79 -23.68 5.56
CA THR B 24 -10.40 -23.28 6.83
C THR B 24 -11.63 -22.40 6.77
N GLY B 25 -11.59 -21.34 5.98
CA GLY B 25 -12.72 -20.44 5.90
C GLY B 25 -12.45 -19.19 6.71
N THR B 26 -12.98 -18.05 6.26
CA THR B 26 -12.76 -16.79 6.96
C THR B 26 -13.91 -15.82 6.79
N LEU B 27 -13.85 -14.76 7.60
CA LEU B 27 -14.81 -13.68 7.54
C LEU B 27 -13.88 -12.51 7.22
N SER B 28 -14.06 -11.90 6.07
CA SER B 28 -13.18 -10.81 5.73
C SER B 28 -13.82 -9.55 5.17
N ILE B 29 -13.04 -8.49 5.25
CA ILE B 29 -13.44 -7.22 4.72
C ILE B 29 -12.21 -6.82 3.92
N PHE B 30 -12.42 -5.95 2.93
CA PHE B 30 -11.34 -5.48 2.10
C PHE B 30 -11.15 -3.98 2.29
N GLY B 31 -9.92 -3.59 2.65
CA GLY B 31 -9.60 -2.18 2.85
C GLY B 31 -9.92 -1.60 4.22
N HIS B 32 -8.88 -1.27 4.97
CA HIS B 32 -9.06 -0.71 6.29
C HIS B 32 -7.79 0.03 6.70
N GLN B 33 -7.94 1.12 7.45
CA GLN B 33 -6.80 1.91 7.90
C GLN B 33 -6.89 2.17 9.39
N MET B 34 -5.76 2.01 10.07
CA MET B 34 -5.66 2.20 11.51
C MET B 34 -4.49 3.16 11.76
N ARG B 35 -4.59 3.99 12.78
CA ARG B 35 -3.52 4.94 13.05
C ARG B 35 -3.05 4.90 14.49
N PHE B 36 -1.75 4.77 14.69
CA PHE B 36 -1.19 4.70 16.03
C PHE B 36 -0.15 5.77 16.24
N ASN B 37 -0.46 6.68 17.15
CA ASN B 37 0.46 7.75 17.52
C ASN B 37 1.43 7.09 18.48
N LEU B 38 2.69 6.96 18.10
CA LEU B 38 3.64 6.33 18.98
C LEU B 38 3.96 7.12 20.23
N GLN B 39 3.59 8.39 20.23
CA GLN B 39 3.87 9.22 21.39
C GLN B 39 3.01 8.82 22.58
N ASP B 40 1.83 8.26 22.29
CA ASP B 40 0.89 7.85 23.33
C ASP B 40 1.27 6.51 23.97
N GLY B 41 2.26 5.84 23.40
CA GLY B 41 2.68 4.56 23.93
C GLY B 41 2.88 3.48 22.88
N PHE B 42 3.64 2.44 23.23
CA PHE B 42 3.89 1.33 22.31
C PHE B 42 2.60 0.55 22.11
N PRO B 43 2.26 0.25 20.86
CA PRO B 43 1.02 -0.48 20.58
C PRO B 43 1.11 -2.01 20.62
N LEU B 44 1.32 -2.55 21.82
CA LEU B 44 1.40 -3.99 22.01
C LEU B 44 0.05 -4.29 22.62
N VAL B 45 -0.71 -5.19 22.01
CA VAL B 45 -2.03 -5.51 22.54
C VAL B 45 -2.03 -5.88 24.01
N THR B 46 -3.00 -5.34 24.73
CA THR B 46 -3.13 -5.59 26.15
C THR B 46 -4.28 -6.53 26.50
N THR B 47 -5.23 -6.69 25.59
CA THR B 47 -6.36 -7.57 25.86
C THR B 47 -6.01 -9.04 25.69
N LYS B 48 -4.71 -9.31 25.53
CA LYS B 48 -4.20 -10.66 25.36
C LYS B 48 -2.69 -10.52 25.45
N ARG B 49 -2.06 -11.28 26.35
CA ARG B 49 -0.62 -11.20 26.50
C ARG B 49 0.06 -11.63 25.19
N CYS B 50 0.89 -10.75 24.67
CA CYS B 50 1.65 -11.01 23.45
C CYS B 50 3.09 -11.20 23.90
N HIS B 51 3.82 -12.12 23.28
CA HIS B 51 5.20 -12.28 23.68
C HIS B 51 6.15 -11.63 22.72
N LEU B 52 6.72 -10.54 23.22
CA LEU B 52 7.64 -9.68 22.50
C LEU B 52 8.97 -10.28 22.12
N ARG B 53 9.38 -11.32 22.83
CA ARG B 53 10.67 -11.93 22.56
C ARG B 53 10.70 -12.54 21.16
N SER B 54 9.53 -12.99 20.69
CA SER B 54 9.41 -13.59 19.37
C SER B 54 9.39 -12.48 18.33
N ILE B 55 8.65 -11.42 18.63
CA ILE B 55 8.54 -10.27 17.78
C ILE B 55 9.91 -9.64 17.54
N ILE B 56 10.67 -9.41 18.61
CA ILE B 56 11.98 -8.79 18.50
C ILE B 56 12.97 -9.61 17.67
N HIS B 57 13.12 -10.89 17.97
CA HIS B 57 14.06 -11.70 17.22
C HIS B 57 13.74 -11.80 15.73
N GLU B 58 12.45 -11.82 15.39
CA GLU B 58 12.06 -11.90 13.98
C GLU B 58 12.54 -10.66 13.26
N LEU B 59 12.20 -9.49 13.82
CA LEU B 59 12.62 -8.24 13.23
C LEU B 59 14.12 -8.21 13.08
N LEU B 60 14.84 -8.51 14.16
CA LEU B 60 16.30 -8.51 14.10
C LEU B 60 16.75 -9.45 13.00
N TRP B 61 16.06 -10.57 12.87
CA TRP B 61 16.32 -11.58 11.87
C TRP B 61 16.12 -10.96 10.48
N PHE B 62 15.06 -10.16 10.33
CA PHE B 62 14.78 -9.49 9.05
C PHE B 62 15.94 -8.57 8.70
N LEU B 63 16.26 -7.65 9.61
CA LEU B 63 17.33 -6.69 9.40
C LEU B 63 18.69 -7.29 9.08
N GLN B 64 18.92 -8.55 9.46
CA GLN B 64 20.20 -9.15 9.15
C GLN B 64 20.15 -9.71 7.75
N GLY B 65 18.96 -9.70 7.15
CA GLY B 65 18.77 -10.19 5.80
C GLY B 65 18.76 -11.71 5.75
N ASP B 66 18.37 -12.32 6.87
CA ASP B 66 18.34 -13.76 7.02
C ASP B 66 16.97 -14.33 6.67
N THR B 67 16.95 -15.46 5.97
CA THR B 67 15.72 -16.12 5.58
C THR B 67 15.64 -17.56 6.06
N ASN B 68 16.60 -17.98 6.86
CA ASN B 68 16.62 -19.34 7.40
C ASN B 68 16.28 -19.30 8.89
N ILE B 69 15.34 -20.13 9.32
CA ILE B 69 14.92 -20.12 10.72
C ILE B 69 15.96 -20.58 11.73
N ALA B 70 17.13 -20.99 11.24
CA ALA B 70 18.20 -21.44 12.14
C ALA B 70 18.34 -20.44 13.30
N TYR B 71 18.65 -19.20 12.96
CA TYR B 71 18.80 -18.14 13.95
C TYR B 71 17.62 -18.08 14.92
N LEU B 72 16.40 -18.14 14.39
CA LEU B 72 15.21 -18.08 15.24
C LEU B 72 15.23 -19.21 16.25
N HIS B 73 15.67 -20.37 15.81
CA HIS B 73 15.74 -21.52 16.70
C HIS B 73 16.79 -21.31 17.77
N GLU B 74 17.95 -20.79 17.37
CA GLU B 74 19.04 -20.52 18.30
C GLU B 74 18.50 -19.70 19.48
N ASN B 75 17.43 -18.95 19.23
CA ASN B 75 16.80 -18.13 20.25
C ASN B 75 15.42 -18.67 20.57
N ASN B 76 15.26 -19.94 20.22
CA ASN B 76 14.04 -20.69 20.44
C ASN B 76 12.71 -20.09 19.97
N VAL B 77 12.76 -19.28 18.92
CA VAL B 77 11.55 -18.67 18.35
C VAL B 77 11.03 -19.67 17.31
N THR B 78 9.80 -20.13 17.52
CA THR B 78 9.19 -21.16 16.66
C THR B 78 8.18 -20.76 15.59
N ILE B 79 7.82 -19.48 15.54
CA ILE B 79 6.81 -18.99 14.58
C ILE B 79 6.88 -19.32 13.09
N TRP B 80 8.07 -19.51 12.51
CA TRP B 80 8.15 -19.82 11.08
C TRP B 80 8.44 -21.27 10.75
N ASP B 81 8.40 -22.14 11.75
CA ASP B 81 8.67 -23.55 11.55
C ASP B 81 7.79 -24.23 10.49
N GLU B 82 6.48 -24.05 10.60
CA GLU B 82 5.52 -24.67 9.67
C GLU B 82 5.64 -24.29 8.19
N TRP B 83 6.60 -23.42 7.86
CA TRP B 83 6.81 -22.96 6.49
C TRP B 83 8.16 -23.29 5.88
N ALA B 84 9.15 -23.52 6.72
CA ALA B 84 10.49 -23.82 6.24
C ALA B 84 10.63 -25.23 5.67
N ASP B 85 11.62 -25.42 4.78
CA ASP B 85 11.84 -26.72 4.16
C ASP B 85 12.72 -27.58 5.04
N GLU B 86 13.09 -28.75 4.53
CA GLU B 86 13.91 -29.64 5.33
C GLU B 86 15.22 -28.94 5.77
N ASN B 87 15.64 -27.86 5.10
CA ASN B 87 16.86 -27.13 5.50
C ASN B 87 16.57 -25.89 6.32
N GLY B 88 15.29 -25.64 6.59
CA GLY B 88 14.92 -24.48 7.38
C GLY B 88 14.82 -23.18 6.58
N ASP B 89 14.89 -23.28 5.25
CA ASP B 89 14.80 -22.10 4.39
C ASP B 89 13.36 -21.75 4.07
N LEU B 90 13.10 -20.45 3.92
CA LEU B 90 11.77 -19.97 3.59
C LEU B 90 11.82 -19.41 2.16
N GLY B 91 13.04 -19.29 1.65
CA GLY B 91 13.21 -18.75 0.32
C GLY B 91 13.60 -17.29 0.46
N PRO B 92 13.54 -16.49 -0.61
CA PRO B 92 13.91 -15.07 -0.52
C PRO B 92 12.77 -14.20 0.01
N VAL B 93 12.35 -14.46 1.24
CA VAL B 93 11.28 -13.70 1.83
C VAL B 93 11.82 -12.39 2.45
N TYR B 94 10.96 -11.73 3.21
CA TYR B 94 11.25 -10.45 3.86
C TYR B 94 12.72 -10.05 3.94
N GLY B 95 13.45 -10.71 4.82
CA GLY B 95 14.86 -10.40 4.99
C GLY B 95 15.64 -10.22 3.70
N LYS B 96 15.57 -11.20 2.81
CA LYS B 96 16.29 -11.11 1.55
C LYS B 96 15.94 -9.89 0.71
N GLN B 97 14.66 -9.54 0.67
CA GLN B 97 14.20 -8.40 -0.10
C GLN B 97 14.54 -7.07 0.55
N TRP B 98 14.64 -7.05 1.88
CA TRP B 98 14.96 -5.81 2.59
C TRP B 98 16.43 -5.46 2.43
N ARG B 99 17.29 -6.46 2.52
CA ARG B 99 18.70 -6.19 2.46
C ARG B 99 19.42 -6.42 1.14
N ALA B 100 18.84 -7.25 0.28
CA ALA B 100 19.51 -7.53 -0.99
C ALA B 100 18.55 -7.86 -2.13
N TRP B 101 17.73 -6.88 -2.51
CA TRP B 101 16.80 -7.07 -3.60
C TRP B 101 17.64 -7.25 -4.86
N PRO B 102 17.52 -8.41 -5.52
CA PRO B 102 18.29 -8.72 -6.73
C PRO B 102 17.78 -7.99 -7.99
N THR B 103 18.69 -7.25 -8.62
CA THR B 103 18.37 -6.51 -9.85
C THR B 103 18.37 -7.51 -11.00
N PRO B 104 17.76 -7.15 -12.14
CA PRO B 104 17.75 -8.09 -13.27
C PRO B 104 19.16 -8.46 -13.73
N ASP B 105 20.08 -7.50 -13.62
CA ASP B 105 21.45 -7.71 -14.07
C ASP B 105 22.44 -8.33 -13.08
N GLY B 106 21.93 -8.96 -12.02
CA GLY B 106 22.82 -9.63 -11.09
C GLY B 106 23.32 -9.00 -9.80
N ARG B 107 23.05 -7.71 -9.59
CA ARG B 107 23.53 -7.06 -8.37
C ARG B 107 22.39 -6.94 -7.35
N HIS B 108 22.65 -6.34 -6.19
CA HIS B 108 21.60 -6.24 -5.17
C HIS B 108 21.40 -4.87 -4.54
N ILE B 109 20.16 -4.58 -4.18
CA ILE B 109 19.83 -3.30 -3.55
C ILE B 109 19.56 -3.46 -2.07
N ASP B 110 20.27 -2.69 -1.24
CA ASP B 110 20.06 -2.72 0.20
C ASP B 110 19.05 -1.61 0.51
N GLN B 111 17.78 -1.96 0.50
CA GLN B 111 16.76 -0.95 0.75
C GLN B 111 16.87 -0.27 2.10
N ILE B 112 17.26 -1.01 3.14
CA ILE B 112 17.36 -0.40 4.47
C ILE B 112 18.45 0.66 4.47
N THR B 113 19.62 0.30 3.97
CA THR B 113 20.72 1.27 3.90
C THR B 113 20.25 2.49 3.11
N THR B 114 19.49 2.24 2.04
CA THR B 114 18.98 3.34 1.24
C THR B 114 18.03 4.20 2.06
N VAL B 115 17.14 3.57 2.79
CA VAL B 115 16.21 4.32 3.61
C VAL B 115 16.89 5.13 4.71
N LEU B 116 17.85 4.53 5.40
CA LEU B 116 18.57 5.26 6.45
C LEU B 116 19.23 6.49 5.84
N ASN B 117 19.85 6.30 4.68
CA ASN B 117 20.53 7.40 4.04
C ASN B 117 19.55 8.47 3.55
N GLN B 118 18.33 8.08 3.24
CA GLN B 118 17.36 9.05 2.79
C GLN B 118 16.86 9.85 3.98
N LEU B 119 16.59 9.16 5.07
CA LEU B 119 16.11 9.86 6.26
C LEU B 119 17.14 10.86 6.76
N LYS B 120 18.42 10.54 6.61
CA LYS B 120 19.50 11.42 7.08
C LYS B 120 19.86 12.55 6.11
N ASN B 121 19.85 12.26 4.81
CA ASN B 121 20.20 13.27 3.82
C ASN B 121 19.07 13.93 3.07
N ASP B 122 17.90 13.28 3.01
CA ASP B 122 16.80 13.82 2.24
C ASP B 122 15.45 13.43 2.86
N PRO B 123 15.23 13.77 4.12
CA PRO B 123 13.98 13.41 4.78
C PRO B 123 12.69 13.91 4.13
N ASP B 124 12.76 14.96 3.30
CA ASP B 124 11.54 15.45 2.66
C ASP B 124 11.13 14.55 1.50
N SER B 125 12.00 13.62 1.15
CA SER B 125 11.73 12.68 0.07
C SER B 125 10.37 12.03 0.26
N ARG B 126 9.72 11.74 -0.86
CA ARG B 126 8.42 11.11 -0.85
C ARG B 126 8.59 9.72 -1.40
N ARG B 127 9.83 9.26 -1.44
CA ARG B 127 10.18 7.95 -1.98
C ARG B 127 10.90 7.09 -0.98
N ILE B 128 10.73 7.38 0.30
CA ILE B 128 11.38 6.58 1.34
C ILE B 128 10.53 5.33 1.58
N ILE B 129 10.81 4.31 0.75
CA ILE B 129 10.06 3.07 0.72
C ILE B 129 10.87 1.77 0.72
N VAL B 130 10.31 0.74 1.33
CA VAL B 130 10.93 -0.58 1.36
C VAL B 130 9.81 -1.48 0.84
N SER B 131 10.15 -2.33 -0.12
CA SER B 131 9.17 -3.24 -0.68
C SER B 131 9.66 -4.70 -0.63
N ALA B 132 8.79 -5.55 -0.09
CA ALA B 132 9.10 -6.96 0.01
C ALA B 132 8.42 -7.66 -1.16
N TRP B 133 7.54 -6.94 -1.86
CA TRP B 133 6.82 -7.53 -2.97
C TRP B 133 7.64 -7.55 -4.24
N ASN B 134 8.48 -8.57 -4.34
CA ASN B 134 9.35 -8.75 -5.50
C ASN B 134 8.74 -9.77 -6.46
N VAL B 135 7.92 -9.26 -7.38
CA VAL B 135 7.20 -10.07 -8.36
C VAL B 135 8.00 -11.21 -8.95
N GLY B 136 9.25 -10.94 -9.29
CA GLY B 136 10.09 -11.97 -9.89
C GLY B 136 10.59 -13.07 -8.99
N GLU B 137 10.31 -12.99 -7.69
CA GLU B 137 10.79 -14.02 -6.78
C GLU B 137 9.71 -14.65 -5.92
N LEU B 138 8.48 -14.19 -6.10
CA LEU B 138 7.35 -14.71 -5.35
C LEU B 138 7.27 -16.23 -5.41
N ASP B 139 7.34 -16.79 -6.61
CA ASP B 139 7.27 -18.23 -6.80
C ASP B 139 8.33 -19.02 -6.03
N LYS B 140 9.34 -18.31 -5.53
CA LYS B 140 10.39 -18.97 -4.75
C LYS B 140 10.17 -18.90 -3.25
N MET B 141 9.20 -18.09 -2.83
CA MET B 141 8.90 -17.93 -1.41
C MET B 141 7.94 -19.00 -0.88
N ALA B 142 8.18 -19.42 0.36
CA ALA B 142 7.34 -20.42 1.01
C ALA B 142 5.94 -19.87 1.19
N LEU B 143 5.87 -18.56 1.40
CA LEU B 143 4.61 -17.86 1.57
C LEU B 143 4.88 -16.45 1.04
N ALA B 144 3.90 -15.85 0.38
CA ALA B 144 4.05 -14.51 -0.16
C ALA B 144 4.01 -13.50 0.98
N PRO B 145 4.84 -12.44 0.91
CA PRO B 145 4.86 -11.43 1.97
C PRO B 145 3.45 -10.94 2.31
N CYS B 146 3.17 -10.81 3.59
CA CYS B 146 1.88 -10.31 4.02
C CYS B 146 2.04 -8.82 4.26
N HIS B 147 3.02 -8.44 5.09
CA HIS B 147 3.28 -7.03 5.27
C HIS B 147 4.22 -6.87 4.09
N ALA B 148 3.68 -6.35 3.01
CA ALA B 148 4.41 -6.25 1.76
C ALA B 148 5.09 -4.97 1.34
N PHE B 149 4.59 -3.85 1.80
CA PHE B 149 5.14 -2.59 1.32
C PHE B 149 5.00 -1.50 2.38
N PHE B 150 6.11 -0.82 2.69
CA PHE B 150 6.02 0.25 3.69
C PHE B 150 6.81 1.49 3.35
N GLN B 151 6.28 2.61 3.81
CA GLN B 151 6.87 3.91 3.54
C GLN B 151 7.10 4.71 4.81
N PHE B 152 8.18 5.48 4.81
CA PHE B 152 8.54 6.34 5.93
C PHE B 152 8.25 7.79 5.56
N TYR B 153 8.10 8.64 6.56
CA TYR B 153 7.76 10.03 6.33
C TYR B 153 8.29 10.85 7.50
N VAL B 154 8.78 12.04 7.23
CA VAL B 154 9.32 12.89 8.29
C VAL B 154 8.66 14.27 8.23
N ALA B 155 8.23 14.76 9.39
CA ALA B 155 7.59 16.07 9.48
C ALA B 155 7.74 16.61 10.90
N ASP B 156 8.19 17.86 11.00
CA ASP B 156 8.38 18.49 12.31
C ASP B 156 9.24 17.62 13.22
N GLY B 157 10.30 17.04 12.65
CA GLY B 157 11.19 16.22 13.45
C GLY B 157 10.70 14.84 13.88
N LYS B 158 9.53 14.44 13.41
CA LYS B 158 8.98 13.13 13.74
C LYS B 158 9.03 12.15 12.56
N LEU B 159 9.26 10.87 12.87
CA LEU B 159 9.33 9.83 11.86
C LEU B 159 8.08 8.97 11.89
N SER B 160 7.35 8.95 10.78
CA SER B 160 6.16 8.14 10.71
C SER B 160 6.40 7.02 9.72
N CYS B 161 5.50 6.04 9.72
CA CYS B 161 5.63 4.90 8.83
C CYS B 161 4.28 4.29 8.54
N GLN B 162 4.01 4.03 7.26
CA GLN B 162 2.76 3.39 6.89
C GLN B 162 3.06 2.05 6.24
N LEU B 163 2.34 1.03 6.69
CA LEU B 163 2.50 -0.30 6.15
C LEU B 163 1.27 -0.71 5.35
N TYR B 164 1.48 -1.41 4.25
CA TYR B 164 0.38 -1.92 3.46
C TYR B 164 0.44 -3.43 3.61
N GLN B 165 -0.54 -4.00 4.31
CA GLN B 165 -0.59 -5.44 4.51
C GLN B 165 -1.69 -6.01 3.61
N ARG B 166 -1.29 -6.73 2.57
CA ARG B 166 -2.21 -7.29 1.60
C ARG B 166 -3.07 -8.40 2.18
N SER B 167 -2.56 -9.09 3.19
CA SER B 167 -3.33 -10.15 3.84
C SER B 167 -3.08 -10.08 5.34
N CYS B 168 -4.16 -10.10 6.10
CA CYS B 168 -4.05 -9.99 7.54
C CYS B 168 -4.93 -10.93 8.38
N ASP B 169 -4.27 -11.81 9.14
CA ASP B 169 -4.96 -12.70 10.06
C ASP B 169 -5.09 -11.78 11.28
N VAL B 170 -6.27 -11.20 11.46
CA VAL B 170 -6.50 -10.27 12.56
C VAL B 170 -6.17 -10.79 13.94
N PHE B 171 -6.54 -12.04 14.24
CA PHE B 171 -6.29 -12.57 15.57
C PHE B 171 -4.85 -12.94 15.87
N LEU B 172 -4.24 -13.74 15.02
CA LEU B 172 -2.86 -14.14 15.25
C LEU B 172 -1.79 -13.16 14.78
N GLY B 173 -1.74 -12.91 13.48
CA GLY B 173 -0.71 -12.03 12.94
C GLY B 173 -0.69 -10.54 13.23
N LEU B 174 -1.84 -9.88 13.15
CA LEU B 174 -1.90 -8.45 13.37
C LEU B 174 -1.24 -7.90 14.66
N PRO B 175 -1.57 -8.45 15.85
CA PRO B 175 -0.94 -7.92 17.07
C PRO B 175 0.57 -8.01 16.96
N PHE B 176 1.01 -9.04 16.25
CA PHE B 176 2.42 -9.30 16.03
C PHE B 176 2.99 -8.27 15.05
N ASN B 177 2.38 -8.15 13.89
CA ASN B 177 2.84 -7.21 12.86
C ASN B 177 2.88 -5.76 13.30
N ILE B 178 1.88 -5.34 14.06
CA ILE B 178 1.83 -3.97 14.52
C ILE B 178 3.01 -3.63 15.42
N ALA B 179 3.24 -4.46 16.42
CA ALA B 179 4.35 -4.22 17.34
C ALA B 179 5.69 -4.25 16.62
N SER B 180 5.77 -5.09 15.59
CA SER B 180 7.00 -5.23 14.85
C SER B 180 7.40 -3.93 14.16
N TYR B 181 6.49 -3.32 13.43
CA TYR B 181 6.84 -2.09 12.76
C TYR B 181 6.96 -0.91 13.72
N ALA B 182 6.23 -0.96 14.82
CA ALA B 182 6.33 0.14 15.79
C ALA B 182 7.77 0.11 16.29
N LEU B 183 8.22 -1.11 16.56
CA LEU B 183 9.58 -1.30 17.06
C LEU B 183 10.58 -0.72 16.05
N LEU B 184 10.47 -1.14 14.78
CA LEU B 184 11.38 -0.68 13.72
C LEU B 184 11.45 0.84 13.65
N VAL B 185 10.30 1.48 13.76
CA VAL B 185 10.21 2.94 13.72
C VAL B 185 11.04 3.53 14.83
N HIS B 186 10.92 2.95 16.02
CA HIS B 186 11.67 3.42 17.17
C HIS B 186 13.17 3.29 16.94
N MET B 187 13.54 2.23 16.24
CA MET B 187 14.95 2.00 15.94
C MET B 187 15.45 2.99 14.90
N MET B 188 14.66 3.18 13.84
CA MET B 188 15.02 4.13 12.78
C MET B 188 15.16 5.52 13.37
N ALA B 189 14.17 5.91 14.14
CA ALA B 189 14.18 7.24 14.75
C ALA B 189 15.44 7.47 15.59
N GLN B 190 15.81 6.47 16.38
CA GLN B 190 17.00 6.61 17.21
C GLN B 190 18.24 6.78 16.34
N GLN B 191 18.37 5.93 15.33
CA GLN B 191 19.51 5.99 14.42
C GLN B 191 19.54 7.24 13.55
N CYS B 192 18.43 7.97 13.50
CA CYS B 192 18.35 9.18 12.69
C CYS B 192 18.05 10.39 13.56
N ASP B 193 18.12 10.19 14.87
CA ASP B 193 17.88 11.28 15.80
C ASP B 193 16.57 12.00 15.56
N LEU B 194 15.51 11.22 15.33
CA LEU B 194 14.17 11.80 15.10
C LEU B 194 13.21 11.30 16.18
N GLU B 195 12.06 11.97 16.33
CA GLU B 195 11.07 11.54 17.29
C GLU B 195 10.18 10.58 16.58
N VAL B 196 9.51 9.71 17.32
CA VAL B 196 8.62 8.77 16.67
C VAL B 196 7.33 9.51 16.34
N GLY B 197 6.76 9.23 15.17
CA GLY B 197 5.52 9.88 14.77
C GLY B 197 4.37 8.90 14.83
N ASP B 198 3.67 8.73 13.71
CA ASP B 198 2.56 7.78 13.66
C ASP B 198 2.90 6.50 12.91
N PHE B 199 2.24 5.41 13.29
CA PHE B 199 2.40 4.16 12.57
C PHE B 199 1.04 3.94 11.95
N VAL B 200 0.97 4.04 10.64
CA VAL B 200 -0.29 3.85 9.94
C VAL B 200 -0.36 2.44 9.37
N TRP B 201 -1.40 1.71 9.72
CA TRP B 201 -1.58 0.34 9.23
C TRP B 201 -2.74 0.29 8.21
N THR B 202 -2.44 -0.21 7.01
CA THR B 202 -3.46 -0.33 5.99
C THR B 202 -3.49 -1.79 5.59
N GLY B 203 -4.69 -2.35 5.50
CA GLY B 203 -4.79 -3.75 5.11
C GLY B 203 -5.62 -4.01 3.88
N GLY B 204 -5.31 -5.11 3.20
CA GLY B 204 -6.06 -5.49 2.03
C GLY B 204 -7.14 -6.44 2.51
N ASP B 205 -6.93 -7.74 2.28
CA ASP B 205 -7.89 -8.76 2.72
C ASP B 205 -7.62 -8.92 4.21
N THR B 206 -8.50 -8.35 5.04
CA THR B 206 -8.35 -8.42 6.48
C THR B 206 -9.37 -9.40 7.00
N HIS B 207 -8.91 -10.49 7.60
CA HIS B 207 -9.82 -11.53 8.04
C HIS B 207 -9.70 -12.09 9.46
N LEU B 208 -10.66 -12.94 9.76
CA LEU B 208 -10.78 -13.64 11.01
C LEU B 208 -11.13 -15.08 10.60
N TYR B 209 -10.27 -16.04 10.92
CA TYR B 209 -10.52 -17.44 10.57
C TYR B 209 -11.68 -18.04 11.37
N SER B 210 -12.47 -18.89 10.71
CA SER B 210 -13.63 -19.51 11.35
C SER B 210 -13.31 -20.18 12.68
N ASN B 211 -12.16 -20.85 12.78
CA ASN B 211 -11.79 -21.51 14.02
C ASN B 211 -11.13 -20.57 15.04
N HIS B 212 -11.48 -19.29 14.99
CA HIS B 212 -10.95 -18.28 15.91
C HIS B 212 -12.08 -17.49 16.56
N MET B 213 -13.32 -17.82 16.20
CA MET B 213 -14.51 -17.15 16.73
C MET B 213 -14.61 -17.14 18.25
N ASP B 214 -14.39 -18.29 18.88
CA ASP B 214 -14.44 -18.36 20.34
C ASP B 214 -13.43 -17.42 20.97
N GLN B 215 -12.14 -17.59 20.63
CA GLN B 215 -11.15 -16.71 21.23
C GLN B 215 -11.30 -15.25 20.82
N THR B 216 -11.98 -15.00 19.72
CA THR B 216 -12.21 -13.62 19.31
C THR B 216 -13.28 -13.03 20.22
N HIS B 217 -14.36 -13.78 20.44
CA HIS B 217 -15.42 -13.31 21.31
C HIS B 217 -14.84 -13.11 22.71
N LEU B 218 -14.02 -14.06 23.17
CA LEU B 218 -13.42 -13.93 24.49
C LEU B 218 -12.61 -12.65 24.57
N GLN B 219 -11.85 -12.37 23.52
CA GLN B 219 -11.02 -11.16 23.52
C GLN B 219 -11.81 -9.87 23.46
N LEU B 220 -12.95 -9.91 22.80
CA LEU B 220 -13.80 -8.73 22.70
C LEU B 220 -14.47 -8.36 24.04
N SER B 221 -14.49 -9.30 24.98
CA SER B 221 -15.10 -9.08 26.28
C SER B 221 -14.18 -8.32 27.23
N ARG B 222 -12.91 -8.22 26.87
CA ARG B 222 -11.93 -7.56 27.73
C ARG B 222 -11.70 -6.09 27.48
N GLU B 223 -11.43 -5.37 28.57
CA GLU B 223 -11.17 -3.95 28.53
C GLU B 223 -9.72 -3.68 28.25
N PRO B 224 -9.44 -2.88 27.22
CA PRO B 224 -8.06 -2.55 26.87
C PRO B 224 -7.46 -1.76 28.02
N ARG B 225 -6.17 -1.94 28.25
CA ARG B 225 -5.51 -1.25 29.34
C ARG B 225 -4.46 -0.29 28.78
N PRO B 226 -3.97 0.63 29.62
CA PRO B 226 -2.95 1.60 29.17
C PRO B 226 -1.78 0.90 28.49
N LEU B 227 -1.28 1.54 27.44
CA LEU B 227 -0.18 1.01 26.66
C LEU B 227 1.17 1.08 27.35
N PRO B 228 2.01 0.06 27.14
CA PRO B 228 3.33 0.08 27.78
C PRO B 228 4.19 1.15 27.12
N LYS B 229 5.42 1.30 27.59
CA LYS B 229 6.33 2.26 27.02
C LYS B 229 7.56 1.46 26.66
N LEU B 230 8.18 1.79 25.54
CA LEU B 230 9.35 1.06 25.12
C LEU B 230 10.62 1.82 25.46
N ILE B 231 11.61 1.11 25.98
CA ILE B 231 12.88 1.73 26.30
C ILE B 231 13.97 0.99 25.58
N ILE B 232 14.82 1.73 24.89
CA ILE B 232 15.94 1.14 24.19
C ILE B 232 17.14 1.51 25.06
N LYS B 233 17.64 0.53 25.79
CA LYS B 233 18.73 0.69 26.73
C LYS B 233 20.12 1.02 26.16
N ARG B 234 20.36 0.70 24.90
CA ARG B 234 21.66 0.97 24.29
C ARG B 234 21.50 1.52 22.89
N LYS B 235 22.34 2.48 22.51
CA LYS B 235 22.27 3.05 21.16
C LYS B 235 23.42 2.50 20.31
N PRO B 236 23.16 1.44 19.55
CA PRO B 236 24.11 0.77 18.66
C PRO B 236 24.65 1.72 17.61
N GLU B 237 25.83 1.43 17.06
CA GLU B 237 26.40 2.33 16.07
C GLU B 237 25.84 2.19 14.66
N SER B 238 24.82 1.36 14.51
CA SER B 238 24.16 1.14 13.22
C SER B 238 22.87 0.40 13.49
N ILE B 239 21.88 0.57 12.62
CA ILE B 239 20.59 -0.09 12.81
C ILE B 239 20.66 -1.60 12.67
N PHE B 240 21.83 -2.11 12.34
CA PHE B 240 22.02 -3.53 12.17
C PHE B 240 22.73 -4.12 13.38
N ASP B 241 22.96 -3.28 14.40
CA ASP B 241 23.66 -3.71 15.61
C ASP B 241 22.80 -3.91 16.85
N TYR B 242 21.49 -3.83 16.70
CA TYR B 242 20.64 -4.02 17.86
C TYR B 242 20.66 -5.49 18.27
N ARG B 243 20.39 -5.72 19.54
CA ARG B 243 20.36 -7.06 20.09
C ARG B 243 19.19 -7.12 21.06
N PHE B 244 18.61 -8.30 21.21
CA PHE B 244 17.47 -8.50 22.10
C PHE B 244 17.55 -7.78 23.44
N GLU B 245 18.75 -7.79 24.02
CA GLU B 245 19.03 -7.16 25.31
C GLU B 245 18.85 -5.65 25.35
N ASP B 246 18.78 -5.01 24.18
CA ASP B 246 18.66 -3.55 24.12
C ASP B 246 17.25 -3.03 24.28
N PHE B 247 16.26 -3.91 24.25
CA PHE B 247 14.87 -3.46 24.37
C PHE B 247 14.19 -3.87 25.65
N GLU B 248 13.54 -2.90 26.28
CA GLU B 248 12.78 -3.15 27.50
C GLU B 248 11.41 -2.53 27.31
N ILE B 249 10.39 -3.31 27.68
CA ILE B 249 9.01 -2.86 27.58
C ILE B 249 8.63 -2.58 29.02
N GLU B 250 7.97 -1.46 29.27
CA GLU B 250 7.62 -1.07 30.62
C GLU B 250 6.13 -0.80 30.78
N GLY B 251 5.58 -1.16 31.94
CA GLY B 251 4.17 -0.93 32.19
C GLY B 251 3.25 -1.77 31.35
N TYR B 252 3.72 -2.94 30.95
CA TYR B 252 2.89 -3.83 30.14
C TYR B 252 2.10 -4.76 31.05
N ASP B 253 0.84 -4.43 31.27
CA ASP B 253 -0.01 -5.22 32.12
C ASP B 253 -1.16 -5.79 31.29
N PRO B 254 -0.93 -6.89 30.59
CA PRO B 254 -1.94 -7.53 29.74
C PRO B 254 -2.87 -8.52 30.39
N HIS B 255 -3.93 -8.86 29.67
CA HIS B 255 -4.91 -9.86 30.08
C HIS B 255 -4.25 -11.16 29.73
N PRO B 256 -4.73 -12.29 30.31
CA PRO B 256 -4.09 -13.56 29.99
C PRO B 256 -4.02 -13.80 28.48
N GLY B 257 -3.01 -14.56 28.07
CA GLY B 257 -2.85 -14.90 26.67
C GLY B 257 -3.98 -15.81 26.23
N ILE B 258 -4.19 -15.91 24.92
CA ILE B 258 -5.25 -16.73 24.37
C ILE B 258 -4.70 -17.64 23.30
N LYS B 259 -4.81 -18.93 23.52
CA LYS B 259 -4.31 -19.94 22.59
C LYS B 259 -5.24 -20.11 21.37
N ALA B 260 -4.68 -20.34 20.20
CA ALA B 260 -5.47 -20.53 18.98
C ALA B 260 -4.66 -21.17 17.87
N PRO B 261 -5.24 -22.18 17.20
CA PRO B 261 -4.56 -22.89 16.12
C PRO B 261 -4.28 -22.03 14.88
N VAL B 262 -3.10 -22.23 14.27
CA VAL B 262 -2.73 -21.47 13.08
C VAL B 262 -3.19 -22.22 11.84
N ALA B 263 -3.53 -21.47 10.80
CA ALA B 263 -3.97 -22.05 9.53
C ALA B 263 -2.71 -22.20 8.71
N ILE B 264 -2.46 -23.42 8.22
CA ILE B 264 -1.27 -23.73 7.43
C ILE B 264 -1.66 -23.95 5.95
N1 UMP C . 1.97 12.09 -8.63
C2 UMP C . 0.57 12.17 -8.75
N3 UMP C . -0.03 11.18 -9.56
C4 UMP C . 0.67 10.44 -10.51
C5 UMP C . 2.17 10.53 -10.68
C6 UMP C . 2.94 11.24 -9.47
O2 UMP C . -0.21 12.62 -7.90
O4 UMP C . 0.07 9.47 -11.33
C1' UMP C . 2.66 13.33 -8.20
C2' UMP C . 3.14 13.11 -6.77
C3' UMP C . 4.26 14.13 -6.64
C4' UMP C . 4.91 14.00 -8.04
O3' UMP C . 3.66 15.43 -6.47
O4' UMP C . 3.87 13.51 -8.94
C5' UMP C . 6.00 12.92 -7.95
O5' UMP C . 7.19 13.45 -7.38
P UMP C . 7.99 12.60 -6.25
OP1 UMP C . 9.13 13.44 -5.81
OP2 UMP C . 6.98 12.35 -5.18
OP3 UMP C . 8.53 11.38 -6.94
C5' LYD D . -1.99 14.21 -14.37
C4' LYD D . -0.68 13.89 -14.76
C3' LYD D . 0.15 14.89 -15.31
C2' LYD D . -0.37 16.18 -15.46
C1' LYD D . -1.70 16.51 -15.08
C6' LYD D . -2.50 15.51 -14.52
C9 LYD D . -2.26 17.83 -15.45
O9 LYD D . -1.57 18.80 -15.83
N LYD D . -3.62 17.94 -15.39
CA LYD D . -4.35 19.16 -15.80
CB LYD D . -4.79 19.09 -17.27
CG1 LYD D . -3.57 18.88 -18.15
CG2 LYD D . -5.56 20.34 -17.75
C8 LYD D . -0.15 12.46 -14.60
C7 LYD D . 0.56 12.25 -13.26
C5 LYD D . 1.77 13.18 -13.11
C LYD D . -5.54 19.38 -14.91
OX1 LYD D . -6.03 18.35 -14.40
OX2 LYD D . -6.01 20.53 -14.79
C6 LYD D . 2.92 13.03 -13.85
N7 LYD D . 3.90 13.90 -13.34
C7A LYD D . 3.33 14.58 -12.28
C4A LYD D . 2.01 14.19 -12.12
C4 LYD D . 1.21 14.77 -11.08
O4 LYD D . 0.04 14.47 -10.77
N3 LYD D . 1.87 15.72 -10.25
C2 LYD D . 3.20 16.19 -10.49
N1 LYD D . 3.96 15.55 -11.47
N2 LYD D . 3.65 17.30 -9.80
N1 UMP E . -0.38 -13.06 7.75
C2 UMP E . -0.39 -12.03 8.68
N3 UMP E . 0.87 -11.63 9.20
C4 UMP E . 2.09 -12.23 8.86
C5 UMP E . 2.19 -13.38 7.86
C6 UMP E . 0.83 -13.80 7.31
O2 UMP E . -1.39 -11.33 8.91
O4 UMP E . 3.37 -11.81 9.33
C1' UMP E . -1.56 -13.96 7.55
C2' UMP E . -2.43 -13.42 6.43
C3' UMP E . -3.20 -14.68 6.07
C4' UMP E . -2.09 -15.75 6.08
O3' UMP E . -4.07 -14.96 7.15
O4' UMP E . -1.14 -15.28 7.06
C5' UMP E . -1.34 -15.81 4.69
O5' UMP E . -2.09 -16.44 3.61
P UMP E . -2.22 -15.87 2.09
OP1 UMP E . -2.72 -14.48 2.28
OP2 UMP E . -0.89 -15.95 1.44
OP3 UMP E . -3.22 -16.74 1.37
C5' LYD F . 3.00 -14.61 14.38
C4' LYD F . 3.55 -15.31 13.28
C3' LYD F . 3.37 -16.70 13.19
C2' LYD F . 2.67 -17.40 14.18
C1' LYD F . 2.14 -16.68 15.28
C6' LYD F . 2.31 -15.29 15.38
C9 LYD F . 1.54 -17.41 16.39
O9 LYD F . 1.12 -18.55 16.20
N LYD F . 1.53 -16.82 17.63
CA LYD F . 1.07 -17.56 18.85
CB LYD F . 2.27 -18.01 19.72
CG1 LYD F . 3.26 -18.87 18.92
CG2 LYD F . 1.80 -18.77 20.96
C8 LYD F . 4.33 -14.51 12.22
C7 LYD F . 3.47 -14.03 11.05
C5 LYD F . 2.88 -15.16 10.23
C LYD F . 0.14 -16.68 19.67
OX1 LYD F . 0.31 -15.46 19.60
OX2 LYD F . -0.70 -17.24 20.40
C6 LYD F . 3.57 -15.94 9.35
N7 LYD F . 2.70 -16.87 8.75
C7A LYD F . 1.45 -16.66 9.30
C4A LYD F . 1.52 -15.60 10.19
C4 LYD F . 0.34 -15.19 10.86
O4 LYD F . 0.22 -14.25 11.63
N3 LYD F . -0.83 -15.93 10.61
C2 LYD F . -0.87 -17.05 9.74
N1 LYD F . 0.27 -17.41 9.07
N2 LYD F . -2.07 -17.71 9.52
#